data_8IA5
#
_entry.id   8IA5
#
_cell.length_a   47.080
_cell.length_b   47.080
_cell.length_c   90.450
_cell.angle_alpha   90.000
_cell.angle_beta   90.000
_cell.angle_gamma   90.000
#
_symmetry.space_group_name_H-M   'P 43 21 2'
#
loop_
_entity.id
_entity.type
_entity.pdbx_description
1 polymer 'Protein Mdm4'
2 polymer '9-mer peptide'
3 non-polymer 4-({(4S,5R)-4,5-bis(4-chlorophenyl)-2-[4-methoxy-2-(propan-2-yloxy)phenyl]-4,5-dihydro-1H-imidazol-1-yl}carbonyl)piperazin-2-one
4 non-polymer 1,4,7,10,13,16-HEXAOXACYCLOOCTADECANE
5 water water
#
loop_
_entity_poly.entity_id
_entity_poly.type
_entity_poly.pdbx_seq_one_letter_code
_entity_poly.pdbx_strand_id
1 'polypeptide(L)'
;SQINQVRPKLPLLKILHAAGAQGEMFTVKEVMHYLGQYIMVKQLYDQQEQHMVYCGGDLLGELLGRQSFSVKDPSPLYDM
LRKNLVTLAT
;
A
2 'polypeptide(L)' DLENLYFQG B
#
loop_
_chem_comp.id
_chem_comp.type
_chem_comp.name
_chem_comp.formula
NUT non-polymer 4-({(4S,5R)-4,5-bis(4-chlorophenyl)-2-[4-methoxy-2-(propan-2-yloxy)phenyl]-4,5-dihydro-1H-imidazol-1-yl}carbonyl)piperazin-2-one 'C30 H30 Cl2 N4 O4'
O4B non-polymer 1,4,7,10,13,16-HEXAOXACYCLOOCTADECANE 'C12 H24 O6'
#
# COMPACT_ATOMS: atom_id res chain seq x y z
N GLN A 2 5.09 11.98 17.67
CA GLN A 2 3.63 12.29 17.66
C GLN A 2 3.23 12.58 16.22
N ILE A 3 2.30 11.83 15.66
CA ILE A 3 2.14 11.80 14.21
C ILE A 3 3.50 11.45 13.62
N ASN A 4 3.67 10.25 13.10
CA ASN A 4 4.95 10.00 12.48
C ASN A 4 4.70 10.16 10.99
N GLN A 5 4.96 11.39 10.53
CA GLN A 5 4.76 11.72 9.13
C GLN A 5 5.88 11.03 8.35
N VAL A 6 5.55 10.53 7.15
CA VAL A 6 6.52 9.93 6.25
C VAL A 6 6.39 10.57 4.88
N ARG A 7 7.51 10.53 4.12
CA ARG A 7 7.51 10.96 2.74
C ARG A 7 7.78 9.69 1.93
N PRO A 8 6.77 9.23 1.16
CA PRO A 8 6.92 8.05 0.32
C PRO A 8 7.94 8.34 -0.77
N LYS A 9 8.79 7.37 -1.05
CA LYS A 9 9.64 7.50 -2.21
C LYS A 9 8.77 7.64 -3.46
N LEU A 10 9.37 8.13 -4.54
CA LEU A 10 8.66 8.60 -5.72
C LEU A 10 7.71 7.54 -6.32
N PRO A 11 8.13 6.28 -6.55
CA PRO A 11 7.23 5.27 -7.11
C PRO A 11 6.02 5.01 -6.24
N LEU A 12 6.24 4.95 -4.93
CA LEU A 12 5.14 4.73 -4.03
C LEU A 12 4.24 5.95 -4.00
N LEU A 13 4.80 7.15 -4.07
CA LEU A 13 3.99 8.37 -4.09
C LEU A 13 3.04 8.33 -5.28
N LYS A 14 3.52 7.85 -6.41
CA LYS A 14 2.74 7.77 -7.63
C LYS A 14 1.54 6.83 -7.46
N ILE A 15 1.71 5.73 -6.69
CA ILE A 15 0.62 4.80 -6.41
C ILE A 15 -0.43 5.51 -5.55
N LEU A 16 0.02 6.18 -4.50
CA LEU A 16 -0.89 6.90 -3.60
C LEU A 16 -1.68 7.99 -4.32
N HIS A 17 -1.00 8.82 -5.12
CA HIS A 17 -1.70 9.79 -5.98
C HIS A 17 -2.76 9.15 -6.85
N ALA A 18 -2.41 8.05 -7.54
CA ALA A 18 -3.32 7.27 -8.35
C ALA A 18 -4.56 6.85 -7.56
N ALA A 19 -4.46 6.75 -6.23
CA ALA A 19 -5.57 6.35 -5.38
C ALA A 19 -6.32 7.57 -4.83
N GLY A 20 -5.99 8.79 -5.27
CA GLY A 20 -6.66 10.00 -4.82
C GLY A 20 -5.85 10.80 -3.80
N ALA A 21 -4.65 10.33 -3.41
CA ALA A 21 -3.89 11.09 -2.42
C ALA A 21 -3.38 12.37 -3.07
N GLN A 22 -3.10 13.34 -2.20
CA GLN A 22 -2.57 14.63 -2.62
C GLN A 22 -1.45 15.05 -1.67
N GLY A 23 -0.46 15.73 -2.25
CA GLY A 23 0.71 16.14 -1.50
C GLY A 23 1.71 15.00 -1.42
N GLU A 24 2.72 15.13 -0.55
CA GLU A 24 3.76 14.12 -0.52
C GLU A 24 4.18 13.77 0.90
N MET A 25 3.37 14.16 1.88
CA MET A 25 3.67 13.77 3.23
C MET A 25 2.41 13.18 3.84
N PHE A 26 2.58 12.06 4.53
CA PHE A 26 1.46 11.26 4.92
C PHE A 26 1.80 10.61 6.26
N THR A 27 0.77 10.29 7.01
CA THR A 27 0.88 9.33 8.09
C THR A 27 0.98 7.94 7.47
N VAL A 28 1.57 6.99 8.21
CA VAL A 28 1.60 5.60 7.77
C VAL A 28 0.16 5.10 7.58
N LYS A 29 -0.77 5.55 8.44
CA LYS A 29 -2.15 5.13 8.30
C LYS A 29 -2.72 5.59 6.96
N GLU A 30 -2.45 6.85 6.57
CA GLU A 30 -2.95 7.33 5.30
C GLU A 30 -2.33 6.49 4.18
N VAL A 31 -1.05 6.15 4.33
CA VAL A 31 -0.42 5.35 3.29
C VAL A 31 -1.20 4.06 3.12
N MET A 32 -1.51 3.35 4.23
CA MET A 32 -2.19 2.06 4.14
C MET A 32 -3.58 2.25 3.54
N HIS A 33 -4.27 3.33 3.93
CA HIS A 33 -5.58 3.68 3.41
CA HIS A 33 -5.60 3.57 3.41
C HIS A 33 -5.52 3.79 1.90
N TYR A 34 -4.55 4.58 1.44
CA TYR A 34 -4.48 4.84 0.00
C TYR A 34 -4.00 3.60 -0.76
N LEU A 35 -3.15 2.76 -0.17
CA LEU A 35 -2.73 1.52 -0.81
C LEU A 35 -3.92 0.56 -0.98
N GLY A 36 -4.78 0.42 0.05
CA GLY A 36 -6.00 -0.33 -0.09
C GLY A 36 -6.87 0.20 -1.22
N GLN A 37 -7.10 1.51 -1.22
CA GLN A 37 -7.91 2.15 -2.24
C GLN A 37 -7.35 1.85 -3.62
N TYR A 38 -6.01 1.95 -3.72
CA TYR A 38 -5.33 1.68 -4.97
C TYR A 38 -5.73 0.32 -5.51
N ILE A 39 -5.64 -0.69 -4.64
CA ILE A 39 -5.91 -2.06 -5.04
C ILE A 39 -7.38 -2.19 -5.43
N MET A 40 -8.26 -1.49 -4.73
CA MET A 40 -9.67 -1.58 -5.07
C MET A 40 -9.91 -1.02 -6.47
N VAL A 41 -9.38 0.17 -6.73
CA VAL A 41 -9.81 0.90 -7.92
C VAL A 41 -9.03 0.42 -9.14
N LYS A 42 -7.91 -0.28 -8.93
CA LYS A 42 -7.24 -0.94 -10.03
C LYS A 42 -7.69 -2.40 -10.12
N GLN A 43 -8.57 -2.85 -9.21
CA GLN A 43 -9.12 -4.22 -9.25
C GLN A 43 -8.01 -5.25 -9.35
N LEU A 44 -7.08 -5.19 -8.40
CA LEU A 44 -5.91 -6.07 -8.42
C LEU A 44 -6.19 -7.27 -7.53
N TYR A 45 -7.31 -7.22 -6.81
CA TYR A 45 -7.72 -8.30 -5.94
C TYR A 45 -8.59 -9.32 -6.69
N ASP A 46 -8.71 -10.49 -6.08
CA ASP A 46 -9.48 -11.55 -6.65
C ASP A 46 -10.90 -11.45 -6.10
N GLN A 47 -11.87 -11.24 -7.00
CA GLN A 47 -13.24 -10.98 -6.56
C GLN A 47 -13.75 -12.22 -5.84
N GLN A 48 -13.23 -13.41 -6.18
CA GLN A 48 -13.68 -14.64 -5.54
C GLN A 48 -12.95 -14.83 -4.21
N GLU A 49 -11.67 -14.44 -4.14
CA GLU A 49 -10.90 -14.59 -2.92
C GLU A 49 -10.24 -13.25 -2.57
N GLN A 50 -10.98 -12.42 -1.84
CA GLN A 50 -10.77 -10.99 -1.87
C GLN A 50 -9.53 -10.55 -1.09
N HIS A 51 -8.88 -11.49 -0.38
CA HIS A 51 -7.66 -11.23 0.38
C HIS A 51 -6.41 -11.34 -0.50
N MET A 52 -6.55 -11.99 -1.65
CA MET A 52 -5.44 -12.23 -2.55
C MET A 52 -5.36 -11.02 -3.49
N VAL A 53 -4.17 -10.46 -3.60
CA VAL A 53 -3.89 -9.35 -4.49
C VAL A 53 -2.99 -9.89 -5.59
N TYR A 54 -3.31 -9.63 -6.87
CA TYR A 54 -2.41 -10.00 -7.96
C TYR A 54 -1.78 -8.74 -8.55
N CYS A 55 -0.61 -8.38 -8.02
CA CYS A 55 0.05 -7.10 -8.24
C CYS A 55 1.12 -7.18 -9.34
N GLY A 56 1.41 -8.41 -9.77
CA GLY A 56 2.44 -8.63 -10.76
C GLY A 56 2.09 -7.87 -12.04
N GLY A 57 3.08 -7.19 -12.61
CA GLY A 57 2.82 -6.34 -13.78
C GLY A 57 2.03 -5.06 -13.45
N ASP A 58 1.80 -4.81 -12.16
CA ASP A 58 1.48 -3.46 -11.70
C ASP A 58 2.76 -2.87 -11.10
N LEU A 59 2.86 -1.54 -11.13
CA LEU A 59 3.92 -0.87 -10.39
C LEU A 59 3.98 -1.38 -8.94
N LEU A 60 2.81 -1.63 -8.33
CA LEU A 60 2.78 -2.08 -6.95
C LEU A 60 3.54 -3.40 -6.81
N GLY A 61 3.30 -4.36 -7.71
CA GLY A 61 4.04 -5.61 -7.71
C GLY A 61 5.55 -5.41 -7.88
N GLU A 62 5.93 -4.44 -8.71
CA GLU A 62 7.33 -4.05 -8.82
C GLU A 62 7.93 -3.61 -7.49
N LEU A 63 7.20 -2.75 -6.77
CA LEU A 63 7.67 -2.26 -5.51
C LEU A 63 7.79 -3.42 -4.53
N LEU A 64 6.81 -4.34 -4.53
CA LEU A 64 6.75 -5.40 -3.53
C LEU A 64 7.74 -6.50 -3.90
N GLY A 65 8.07 -6.58 -5.18
CA GLY A 65 8.94 -7.62 -5.66
C GLY A 65 8.15 -8.93 -5.73
N ARG A 66 6.85 -8.80 -6.00
CA ARG A 66 5.97 -9.95 -5.97
C ARG A 66 4.92 -9.90 -7.07
N GLN A 67 4.51 -11.11 -7.49
CA GLN A 67 3.39 -11.32 -8.39
C GLN A 67 2.08 -11.22 -7.61
N SER A 68 2.13 -11.67 -6.36
CA SER A 68 0.91 -11.81 -5.60
C SER A 68 1.22 -11.66 -4.13
N PHE A 69 0.20 -11.34 -3.35
CA PHE A 69 0.31 -11.47 -1.91
C PHE A 69 -1.09 -11.57 -1.31
N SER A 70 -1.15 -12.22 -0.15
CA SER A 70 -2.36 -12.29 0.62
C SER A 70 -2.29 -11.25 1.71
N VAL A 71 -3.36 -10.47 1.89
CA VAL A 71 -3.41 -9.56 3.03
C VAL A 71 -3.29 -10.34 4.34
N LYS A 72 -3.58 -11.65 4.30
CA LYS A 72 -3.48 -12.51 5.48
C LYS A 72 -2.04 -12.74 5.88
N ASP A 73 -1.10 -12.48 4.96
CA ASP A 73 0.31 -12.66 5.27
C ASP A 73 1.10 -11.54 4.61
N PRO A 74 1.11 -10.34 5.23
CA PRO A 74 1.56 -9.12 4.58
C PRO A 74 3.02 -8.73 4.75
N SER A 75 3.88 -9.70 5.09
CA SER A 75 5.29 -9.42 5.32
C SER A 75 5.88 -8.63 4.17
N PRO A 76 5.51 -8.94 2.91
CA PRO A 76 6.03 -8.21 1.76
C PRO A 76 5.72 -6.71 1.84
N LEU A 77 4.53 -6.39 2.35
CA LEU A 77 4.09 -5.01 2.48
C LEU A 77 4.94 -4.29 3.51
N TYR A 78 5.20 -4.98 4.62
CA TYR A 78 6.08 -4.45 5.62
C TYR A 78 7.45 -4.15 5.04
N ASP A 79 8.03 -5.14 4.35
CA ASP A 79 9.36 -4.98 3.80
C ASP A 79 9.36 -3.76 2.89
N MET A 80 8.37 -3.70 2.00
CA MET A 80 8.30 -2.63 1.02
C MET A 80 8.14 -1.26 1.71
N LEU A 81 7.27 -1.16 2.72
CA LEU A 81 7.06 0.15 3.32
C LEU A 81 8.28 0.59 4.13
N ARG A 82 8.95 -0.35 4.79
CA ARG A 82 10.21 -0.05 5.45
C ARG A 82 11.20 0.60 4.48
N LYS A 83 11.23 0.13 3.23
CA LYS A 83 12.19 0.63 2.27
C LYS A 83 11.72 1.91 1.59
N ASN A 84 10.41 2.21 1.56
CA ASN A 84 9.92 3.27 0.68
C ASN A 84 9.20 4.41 1.40
N LEU A 85 9.17 4.37 2.74
CA LEU A 85 8.73 5.50 3.53
C LEU A 85 9.95 6.09 4.24
N VAL A 86 10.19 7.40 4.02
CA VAL A 86 11.33 8.09 4.60
C VAL A 86 10.87 8.85 5.85
N THR A 87 11.68 8.74 6.91
CA THR A 87 11.47 9.35 8.21
C THR A 87 10.02 9.11 8.66
N ASP B 1 1.85 -2.35 14.25
CA ASP B 1 0.89 -3.20 13.50
C ASP B 1 0.20 -2.33 12.44
N LEU B 2 0.47 -2.63 11.16
CA LEU B 2 -0.09 -1.89 10.05
C LEU B 2 -1.56 -2.26 9.80
N GLU B 3 -1.92 -3.53 10.07
CA GLU B 3 -3.30 -3.98 9.96
C GLU B 3 -4.15 -3.18 10.95
N ASN B 4 -3.61 -3.01 12.17
CA ASN B 4 -4.27 -2.26 13.23
C ASN B 4 -4.36 -0.78 12.87
N LEU B 5 -3.27 -0.19 12.36
CA LEU B 5 -3.28 1.23 12.02
C LEU B 5 -4.37 1.47 10.99
N TYR B 6 -4.45 0.57 9.99
CA TYR B 6 -5.43 0.68 8.93
C TYR B 6 -6.86 0.56 9.48
N PHE B 7 -7.11 -0.47 10.31
CA PHE B 7 -8.43 -0.70 10.88
C PHE B 7 -8.54 -0.03 12.25
N GLN B 8 -8.65 1.30 12.25
CA GLN B 8 -9.03 2.07 13.42
C GLN B 8 -10.35 2.77 13.10
N GLY B 9 -11.15 2.12 12.26
CA GLY B 9 -12.30 2.75 11.62
C GLY B 9 -12.54 4.16 12.13
O3 NUT C . -7.86 -2.28 1.95
C25 NUT C . -8.33 -3.21 2.59
N2 NUT C . -9.63 -3.62 2.41
C29 NUT C . -10.32 -3.26 1.19
C28 NUT C . -11.27 -2.14 1.42
O2 NUT C . -11.56 -1.39 0.46
N3 NUT C . -11.74 -1.96 2.65
C27 NUT C . -11.58 -2.86 3.79
C26 NUT C . -10.52 -3.95 3.55
N1 NUT C . -7.51 -3.87 3.49
C10 NUT C . -7.55 -5.20 3.92
C9 NUT C . -8.43 -6.24 3.38
C3 NUT C . -8.98 -7.19 4.25
C2 NUT C . -9.80 -8.19 3.77
C5 NUT C . -8.65 -6.37 2.02
O1 NUT C . -8.03 -5.45 1.23
C6 NUT C . -8.03 -5.44 -0.23
C8 NUT C . -7.10 -6.53 -0.72
C7 NUT C . -7.54 -4.07 -0.63
C4 NUT C . -9.46 -7.38 1.52
C1 NUT C . -10.04 -8.29 2.40
O NUT C . -10.81 -9.26 1.84
C NUT C . -11.40 -10.25 2.70
C18 NUT C . -6.28 -3.24 3.98
C19 NUT C . -5.13 -3.17 3.02
C24 NUT C . -4.17 -2.17 3.16
C23 NUT C . -3.07 -2.10 2.31
C22 NUT C . -2.91 -3.07 1.36
CL1 NUT C . -1.53 -3.00 0.29
C21 NUT C . -3.85 -4.06 1.18
C20 NUT C . -4.93 -4.12 2.03
C11 NUT C . -6.03 -4.18 5.20
N NUT C . -6.69 -5.44 4.84
C12 NUT C . -4.58 -4.35 5.56
C17 NUT C . -3.89 -3.35 6.22
C16 NUT C . -2.57 -3.49 6.56
C15 NUT C . -1.91 -4.64 6.20
CL NUT C . -0.23 -4.82 6.61
C14 NUT C . -2.55 -5.66 5.52
C13 NUT C . -3.88 -5.50 5.20
H1 NUT C . -9.69 -2.98 0.49
H2 NUT C . -10.83 -4.04 0.84
H3 NUT C . -12.17 -1.25 2.79
H4 NUT C . -12.45 -3.29 3.97
H5 NUT C . -11.33 -2.33 4.60
H6 NUT C . -9.98 -4.04 4.35
H7 NUT C . -10.96 -4.80 3.37
H9 NUT C . -8.83 -7.12 5.18
H10 NUT C . -10.19 -8.80 4.37
H11 NUT C . -8.94 -5.59 -0.57
H12 NUT C . -7.04 -6.50 -1.69
H13 NUT C . -7.44 -7.40 -0.44
H14 NUT C . -6.21 -6.39 -0.34
H15 NUT C . -6.97 -3.71 0.06
H16 NUT C . -8.29 -3.48 -0.77
H17 NUT C . -7.03 -4.14 -1.46
H18 NUT C . -9.62 -7.46 0.59
H19 NUT C . -12.13 -9.86 3.19
H20 NUT C . -10.73 -10.59 3.31
H21 NUT C . -11.74 -10.98 2.15
H22 NUT C . -6.49 -2.33 4.30
H23 NUT C . -4.27 -1.52 3.83
H24 NUT C . -2.43 -1.43 2.42
H25 NUT C . -3.72 -4.72 0.52
H26 NUT C . -5.56 -4.81 1.93
H27 NUT C . -6.49 -3.78 5.98
H30 NUT C . -4.34 -2.57 6.47
H31 NUT C . -2.12 -2.81 7.02
H32 NUT C . -2.09 -6.44 5.29
H33 NUT C . -4.33 -6.18 4.74
CAA O4B D . 9.92 6.82 -10.58
OAM O4B D . 8.69 6.25 -11.04
CAC O4B D . 8.88 5.03 -11.74
CAD O4B D . 7.63 4.25 -11.67
OAO O4B D . 6.53 5.05 -12.06
CAG O4B D . 6.46 5.29 -13.46
CAH O4B D . 5.11 5.79 -13.84
OAQ O4B D . 5.22 7.15 -14.27
CAK O4B D . 3.98 7.84 -14.27
CAL O4B D . 4.22 9.33 -14.34
OAR O4B D . 5.56 9.58 -14.78
CAJ O4B D . 6.02 10.90 -14.51
CAI O4B D . 7.49 10.99 -14.74
OAP O4B D . 8.17 10.10 -13.86
CAF O4B D . 9.38 10.61 -13.35
CAE O4B D . 10.29 9.48 -13.09
OAN O4B D . 9.66 8.55 -12.21
CAB O4B D . 10.57 7.57 -11.69
HAA1 O4B D . 9.74 7.43 -9.83
HAA2 O4B D . 10.53 6.11 -10.26
HAB1 O4B D . 10.81 6.94 -12.41
HAB2 O4B D . 11.38 8.01 -11.38
HAC1 O4B D . 9.63 4.52 -11.35
HAC2 O4B D . 9.10 5.22 -12.69
HAD1 O4B D . 7.49 3.94 -10.74
HAD2 O4B D . 7.69 3.46 -12.24
HAG1 O4B D . 6.66 4.47 -13.95
HAG2 O4B D . 7.14 5.96 -13.71
HAH1 O4B D . 4.52 5.73 -13.07
HAH2 O4B D . 4.75 5.24 -14.56
HAK1 O4B D . 3.48 7.64 -13.44
HAK2 O4B D . 3.43 7.56 -15.04
HAL1 O4B D . 4.07 9.73 -13.47
HAL2 O4B D . 3.58 9.74 -14.98
HAJ1 O4B D . 5.81 11.14 -13.59
HAJ2 O4B D . 5.55 11.53 -15.10
HAI1 O4B D . 7.78 11.92 -14.57
HAI2 O4B D . 7.70 10.77 -15.66
HAF1 O4B D . 9.21 11.10 -12.52
HAF2 O4B D . 9.79 11.23 -13.99
HAE1 O4B D . 11.12 9.81 -12.68
HAE2 O4B D . 10.51 9.02 -13.93
#